data_5QHF
#
_entry.id   5QHF
#
_cell.length_a   124.659
_cell.length_b   124.659
_cell.length_c   41.113
_cell.angle_alpha   90.000
_cell.angle_beta   90.000
_cell.angle_gamma   120.000
#
_symmetry.space_group_name_H-M   'P 3 2 1'
#
loop_
_entity.id
_entity.type
_entity.pdbx_description
1 polymer 'Peroxisomal coenzyme A diphosphatase NUDT7'
2 non-polymer 'ACETATE ION'
3 non-polymer 'DIMETHYL SULFOXIDE'
4 non-polymer 2-(4-methoxyphenyl)-N-{5-[2-oxo-2-(3-oxopiperazin-1-yl)ethoxy]pyridin-3-yl}acetamide
5 water water
#
_entity_poly.entity_id   1
_entity_poly.type   'polypeptide(L)'
_entity_poly.pdbx_seq_one_letter_code
;SMLDDAKARLRKYDIGGKYSHLPYNKYSVLLPLVAKEGKLHLLFTVRSEKLRRAPGEVCFPGGKRDPTDMDDAATALREA
QEEVGLR(HYP)HQVEVV(CSO)CLVPCLIDTDTLITPFVGLIDHNFQAQPNPAEVKDVFLVPLAYFLHPQVHDQHYVTR
LGHRFINHIFEYTNPEDGVTYQIKGMTANLAVLVAFIILEKKPT
;
_entity_poly.pdbx_strand_id   A
#
# COMPACT_ATOMS: atom_id res chain seq x y z
N SER A 1 0.61 -20.10 11.78
CA SER A 1 0.55 -20.04 10.29
C SER A 1 1.16 -18.73 9.79
N MET A 2 1.48 -18.68 8.49
CA MET A 2 2.09 -17.51 7.87
C MET A 2 1.21 -16.28 8.09
N LEU A 3 -0.10 -16.46 7.93
CA LEU A 3 -1.00 -15.30 7.96
C LEU A 3 -1.26 -14.84 9.38
N ASP A 4 -1.39 -15.80 10.31
CA ASP A 4 -1.56 -15.49 11.71
C ASP A 4 -0.30 -14.82 12.28
N ASP A 5 0.87 -15.25 11.82
CA ASP A 5 2.12 -14.69 12.22
C ASP A 5 2.25 -13.21 11.71
N ALA A 6 1.86 -12.97 10.46
CA ALA A 6 1.90 -11.61 9.89
C ALA A 6 0.99 -10.62 10.65
N LYS A 7 -0.25 -11.04 10.89
CA LYS A 7 -1.19 -10.23 11.65
C LYS A 7 -0.69 -9.96 13.08
N ALA A 8 -0.15 -10.98 13.75
CA ALA A 8 0.37 -10.80 15.09
C ALA A 8 1.54 -9.74 15.12
N ARG A 9 2.41 -9.79 14.10
CA ARG A 9 3.51 -8.85 13.99
C ARG A 9 2.96 -7.44 13.77
N LEU A 10 2.06 -7.32 12.81
CA LEU A 10 1.50 -6.03 12.47
C LEU A 10 0.80 -5.34 13.62
N ARG A 11 0.06 -6.10 14.42
CA ARG A 11 -0.67 -5.52 15.55
C ARG A 11 0.23 -4.79 16.56
N LYS A 12 1.48 -5.23 16.70
CA LYS A 12 2.43 -4.59 17.58
C LYS A 12 2.82 -3.15 17.18
N TYR A 13 2.57 -2.74 15.91
CA TYR A 13 2.92 -1.47 15.38
C TYR A 13 1.70 -0.56 15.14
N ASP A 14 0.53 -1.06 15.53
CA ASP A 14 -0.77 -0.35 15.32
C ASP A 14 -0.76 0.91 16.18
N ILE A 15 -0.95 2.05 15.56
CA ILE A 15 -1.12 3.28 16.34
C ILE A 15 -2.61 3.53 16.62
N GLY A 16 -3.51 2.81 15.94
CA GLY A 16 -4.96 3.03 16.09
C GLY A 16 -5.36 4.43 15.66
N GLY A 17 -6.30 5.04 16.40
CA GLY A 17 -6.90 6.34 16.04
C GLY A 17 -6.23 7.56 16.68
N LYS A 18 -5.03 7.35 17.21
CA LYS A 18 -4.31 8.33 18.03
C LYS A 18 -4.18 9.71 17.30
N TYR A 19 -3.81 9.71 16.03
CA TYR A 19 -3.61 10.91 15.23
C TYR A 19 -4.80 11.27 14.30
N SER A 20 -5.89 10.50 14.39
CA SER A 20 -6.96 10.61 13.39
C SER A 20 -7.86 11.86 13.48
N HIS A 21 -7.97 12.54 14.62
N HIS A 21 -7.91 12.48 14.65
CA HIS A 21 -8.88 13.72 14.70
CA HIS A 21 -8.78 13.62 14.91
C HIS A 21 -8.16 15.03 14.39
C HIS A 21 -8.13 14.98 14.64
N LEU A 22 -6.82 14.99 14.32
CA LEU A 22 -6.09 16.25 14.08
C LEU A 22 -6.51 16.96 12.81
N PRO A 23 -6.54 18.30 12.81
CA PRO A 23 -7.22 19.05 11.74
C PRO A 23 -6.43 19.23 10.43
N TYR A 24 -6.06 18.12 9.80
CA TYR A 24 -5.33 18.16 8.58
C TYR A 24 -6.22 17.98 7.33
N ASN A 25 -5.66 18.22 6.16
CA ASN A 25 -6.21 17.67 4.89
C ASN A 25 -5.88 16.16 4.97
N LYS A 26 -6.89 15.29 4.93
CA LYS A 26 -6.70 13.87 5.30
C LYS A 26 -6.84 12.96 4.07
N TYR A 27 -5.85 12.08 3.91
CA TYR A 27 -5.86 11.00 2.88
C TYR A 27 -5.52 9.70 3.57
N SER A 28 -6.02 8.56 3.03
CA SER A 28 -5.65 7.24 3.53
C SER A 28 -5.15 6.40 2.36
N VAL A 29 -4.24 5.48 2.66
CA VAL A 29 -3.78 4.47 1.69
C VAL A 29 -3.97 3.09 2.30
N LEU A 30 -4.24 2.12 1.41
CA LEU A 30 -4.29 0.72 1.76
C LEU A 30 -3.04 0.00 1.26
N LEU A 31 -2.34 -0.66 2.17
CA LEU A 31 -1.19 -1.49 1.85
C LEU A 31 -1.72 -2.96 1.77
N PRO A 32 -2.01 -3.46 0.56
CA PRO A 32 -2.78 -4.69 0.44
C PRO A 32 -1.83 -5.90 0.33
N LEU A 33 -1.93 -6.77 1.32
CA LEU A 33 -1.08 -7.99 1.37
C LEU A 33 -1.85 -9.17 0.75
N VAL A 34 -1.18 -9.83 -0.17
CA VAL A 34 -1.76 -10.94 -0.96
C VAL A 34 -0.83 -12.13 -0.75
N ALA A 35 -1.39 -13.29 -0.38
CA ALA A 35 -0.58 -14.51 -0.26
C ALA A 35 -0.72 -15.32 -1.54
N LYS A 36 0.40 -15.54 -2.24
CA LYS A 36 0.45 -16.35 -3.50
C LYS A 36 1.70 -17.20 -3.47
N GLU A 37 1.61 -18.44 -3.96
CA GLU A 37 2.80 -19.28 -4.09
C GLU A 37 3.62 -19.41 -2.82
N GLY A 38 2.93 -19.46 -1.69
CA GLY A 38 3.49 -19.67 -0.42
C GLY A 38 4.25 -18.47 0.15
N LYS A 39 4.03 -17.27 -0.42
CA LYS A 39 4.78 -16.06 0.06
C LYS A 39 3.83 -14.86 0.08
N LEU A 40 4.15 -13.86 0.91
CA LEU A 40 3.38 -12.62 0.89
C LEU A 40 3.87 -11.64 -0.19
N HIS A 41 2.91 -10.90 -0.75
CA HIS A 41 3.14 -9.88 -1.80
C HIS A 41 2.39 -8.61 -1.38
N LEU A 42 2.88 -7.46 -1.84
CA LEU A 42 2.11 -6.23 -1.82
C LEU A 42 1.54 -5.96 -3.19
N LEU A 43 0.34 -5.40 -3.23
CA LEU A 43 -0.35 -4.97 -4.44
C LEU A 43 -0.16 -3.46 -4.61
N PHE A 44 0.27 -3.08 -5.80
CA PHE A 44 0.51 -1.69 -6.19
C PHE A 44 -0.34 -1.34 -7.40
N THR A 45 -0.59 -0.03 -7.55
CA THR A 45 -1.21 0.51 -8.78
C THR A 45 -0.18 1.35 -9.55
N VAL A 46 -0.40 1.46 -10.85
CA VAL A 46 0.19 2.53 -11.63
C VAL A 46 -0.93 3.53 -11.95
N ARG A 47 -0.69 4.78 -11.59
CA ARG A 47 -1.71 5.83 -11.74
C ARG A 47 -1.90 6.18 -13.21
N SER A 48 -3.15 6.42 -13.57
CA SER A 48 -3.47 6.80 -14.94
C SER A 48 -2.67 8.04 -15.33
N GLU A 49 -2.24 8.09 -16.60
CA GLU A 49 -1.54 9.27 -17.16
C GLU A 49 -2.42 10.54 -17.22
N LYS A 50 -3.75 10.38 -17.09
CA LYS A 50 -4.73 11.49 -17.10
C LYS A 50 -4.86 12.26 -15.77
N LEU A 51 -4.38 11.69 -14.67
CA LEU A 51 -4.59 12.30 -13.36
C LEU A 51 -3.71 13.53 -13.18
N ARG A 52 -4.21 14.49 -12.40
CA ARG A 52 -3.50 15.74 -12.14
C ARG A 52 -2.27 15.46 -11.27
N ARG A 53 -2.47 14.78 -10.14
CA ARG A 53 -1.39 14.42 -9.23
C ARG A 53 -0.68 13.13 -9.66
N ALA A 54 0.61 13.26 -10.01
CA ALA A 54 1.53 12.13 -10.18
C ALA A 54 1.08 11.10 -11.24
N PRO A 55 0.83 11.57 -12.48
CA PRO A 55 0.39 10.65 -13.52
C PRO A 55 1.46 9.63 -13.82
N GLY A 56 1.07 8.37 -13.98
CA GLY A 56 2.03 7.30 -14.32
C GLY A 56 2.91 6.77 -13.19
N GLU A 57 2.74 7.26 -11.97
CA GLU A 57 3.59 6.83 -10.83
C GLU A 57 3.00 5.59 -10.18
N VAL A 58 3.88 4.79 -9.56
CA VAL A 58 3.48 3.66 -8.73
C VAL A 58 3.00 4.19 -7.38
N CYS A 59 1.87 3.68 -6.89
CA CYS A 59 1.15 4.20 -5.77
C CYS A 59 0.45 3.02 -5.06
N PHE A 60 0.20 3.08 -3.76
CA PHE A 60 -0.80 2.19 -3.15
C PHE A 60 -2.22 2.72 -3.44
N PRO A 61 -3.25 1.85 -3.45
CA PRO A 61 -4.62 2.36 -3.55
C PRO A 61 -4.92 3.31 -2.39
N GLY A 62 -5.72 4.33 -2.64
CA GLY A 62 -6.08 5.29 -1.57
C GLY A 62 -6.54 6.61 -2.16
N GLY A 63 -6.78 7.57 -1.27
CA GLY A 63 -7.24 8.89 -1.71
C GLY A 63 -7.74 9.72 -0.56
N LYS A 64 -8.43 10.82 -0.93
CA LYS A 64 -8.85 11.83 0.08
C LYS A 64 -10.09 11.42 0.87
N ARG A 65 -10.09 11.65 2.16
CA ARG A 65 -11.26 11.36 2.97
C ARG A 65 -12.41 12.26 2.47
N ASP A 66 -13.60 11.68 2.50
CA ASP A 66 -14.86 12.43 2.19
C ASP A 66 -15.83 12.32 3.31
N PRO A 67 -16.96 13.10 3.24
CA PRO A 67 -17.84 13.09 4.41
C PRO A 67 -18.53 11.83 4.75
N THR A 68 -18.63 10.91 3.78
CA THR A 68 -19.32 9.64 4.01
C THR A 68 -18.51 8.70 4.92
N ASP A 69 -17.18 8.88 4.95
CA ASP A 69 -16.33 7.89 5.62
C ASP A 69 -16.53 7.90 7.14
N MET A 70 -16.81 6.74 7.75
CA MET A 70 -16.95 6.66 9.20
C MET A 70 -15.63 6.95 9.93
N ASP A 71 -14.54 6.57 9.28
CA ASP A 71 -13.20 6.72 9.84
C ASP A 71 -12.15 6.66 8.71
N ASP A 72 -10.85 6.74 9.07
CA ASP A 72 -9.80 6.77 8.09
C ASP A 72 -9.66 5.44 7.35
N ALA A 73 -9.92 4.35 8.04
CA ALA A 73 -9.86 3.02 7.40
C ALA A 73 -10.92 2.94 6.28
N ALA A 74 -12.08 3.51 6.56
CA ALA A 74 -13.13 3.55 5.52
C ALA A 74 -12.72 4.28 4.25
N THR A 75 -11.99 5.41 4.39
CA THR A 75 -11.41 6.09 3.25
C THR A 75 -10.60 5.16 2.36
N ALA A 76 -9.68 4.43 3.00
CA ALA A 76 -8.80 3.53 2.26
C ALA A 76 -9.61 2.46 1.49
N LEU A 77 -10.60 1.87 2.15
CA LEU A 77 -11.42 0.81 1.56
C LEU A 77 -12.31 1.33 0.42
N ARG A 78 -12.92 2.49 0.63
CA ARG A 78 -13.74 3.15 -0.45
C ARG A 78 -12.93 3.42 -1.71
N GLU A 79 -11.74 4.01 -1.56
CA GLU A 79 -10.89 4.33 -2.67
C GLU A 79 -10.36 3.07 -3.34
N ALA A 80 -9.98 2.05 -2.56
CA ALA A 80 -9.52 0.81 -3.12
C ALA A 80 -10.62 0.14 -4.00
N GLN A 81 -11.86 0.22 -3.56
CA GLN A 81 -12.99 -0.36 -4.31
C GLN A 81 -13.13 0.40 -5.65
N GLU A 82 -13.09 1.73 -5.58
CA GLU A 82 -13.17 2.55 -6.81
C GLU A 82 -12.06 2.27 -7.81
N GLU A 83 -10.83 2.10 -7.32
CA GLU A 83 -9.67 1.97 -8.15
C GLU A 83 -9.46 0.58 -8.73
N VAL A 84 -9.64 -0.46 -7.92
CA VAL A 84 -9.30 -1.84 -8.33
C VAL A 84 -10.41 -2.89 -8.11
N GLY A 85 -11.56 -2.45 -7.64
CA GLY A 85 -12.76 -3.30 -7.44
C GLY A 85 -12.75 -4.14 -6.18
N LEU A 86 -11.80 -3.87 -5.28
CA LEU A 86 -11.78 -4.57 -4.00
C LEU A 86 -13.02 -4.29 -3.15
N ARG A 87 -13.80 -5.33 -2.83
CA ARG A 87 -15.00 -5.20 -2.01
C ARG A 87 -14.71 -5.38 -0.51
N HIS A 89 -15.86 -7.22 1.93
CA HIS A 89 -15.74 -8.60 2.42
C HIS A 89 -14.41 -9.26 1.99
N GLN A 90 -13.67 -8.62 1.10
CA GLN A 90 -12.45 -9.18 0.53
C GLN A 90 -11.19 -8.68 1.20
N VAL A 91 -11.36 -7.83 2.22
CA VAL A 91 -10.24 -7.26 2.94
C VAL A 91 -10.45 -7.25 4.46
N GLU A 92 -9.41 -7.65 5.20
CA GLU A 92 -9.41 -7.54 6.65
C GLU A 92 -8.37 -6.46 7.00
N VAL A 93 -8.82 -5.34 7.54
CA VAL A 93 -7.89 -4.27 7.96
C VAL A 93 -7.30 -4.70 9.30
N VAL A 94 -5.97 -4.82 9.36
CA VAL A 94 -5.26 -5.40 10.50
C VAL A 94 -4.71 -4.30 11.40
N CYS A 96 -3.27 0.21 11.61
CA CYS A 96 -2.94 1.49 11.14
C CYS A 96 -1.45 1.79 11.48
N LEU A 97 -0.63 2.03 10.48
CA LEU A 97 0.78 2.31 10.66
C LEU A 97 1.00 3.81 10.86
N VAL A 98 2.26 4.16 11.18
CA VAL A 98 2.64 5.58 11.33
C VAL A 98 2.17 6.46 10.17
N PRO A 99 1.43 7.53 10.49
CA PRO A 99 1.07 8.42 9.39
C PRO A 99 2.19 9.24 8.82
N CYS A 100 2.01 9.74 7.61
N CYS A 100 2.05 9.66 7.55
CA CYS A 100 3.02 10.45 6.85
CA CYS A 100 3.03 10.48 6.83
C CYS A 100 2.59 11.93 6.72
C CYS A 100 2.53 11.92 6.85
N LEU A 101 3.42 12.86 7.19
CA LEU A 101 3.11 14.29 7.11
C LEU A 101 3.69 14.85 5.85
N ILE A 102 2.88 15.56 5.06
CA ILE A 102 3.45 16.26 3.89
C ILE A 102 2.87 17.66 3.71
N ASP A 103 3.67 18.52 3.10
CA ASP A 103 3.26 19.86 2.67
C ASP A 103 2.78 20.80 3.76
N THR A 104 3.12 20.49 5.01
CA THR A 104 2.71 21.24 6.20
C THR A 104 1.26 21.13 6.62
N ASP A 105 0.34 20.72 5.72
CA ASP A 105 -1.06 20.73 6.05
C ASP A 105 -1.81 19.39 5.72
N THR A 106 -1.04 18.33 5.50
CA THR A 106 -1.64 17.10 4.98
C THR A 106 -1.12 15.91 5.79
N LEU A 107 -2.02 14.99 6.10
CA LEU A 107 -1.66 13.80 6.86
C LEU A 107 -2.21 12.57 6.10
N ILE A 108 -1.31 11.66 5.78
CA ILE A 108 -1.68 10.43 5.02
C ILE A 108 -1.58 9.26 5.99
N THR A 109 -2.68 8.55 6.21
CA THR A 109 -2.75 7.48 7.16
C THR A 109 -2.74 6.12 6.39
N PRO A 110 -1.72 5.25 6.62
CA PRO A 110 -1.63 3.96 5.92
C PRO A 110 -2.24 2.83 6.76
N PHE A 111 -3.07 1.99 6.14
CA PHE A 111 -3.64 0.84 6.78
C PHE A 111 -3.16 -0.42 6.07
N VAL A 112 -2.77 -1.45 6.83
CA VAL A 112 -2.43 -2.73 6.23
C VAL A 112 -3.67 -3.63 6.21
N GLY A 113 -3.95 -4.22 5.06
CA GLY A 113 -5.11 -5.10 4.84
C GLY A 113 -4.70 -6.44 4.28
N LEU A 114 -5.24 -7.53 4.80
CA LEU A 114 -5.06 -8.85 4.22
C LEU A 114 -6.15 -9.09 3.19
N ILE A 115 -5.74 -9.49 1.99
CA ILE A 115 -6.64 -9.59 0.83
C ILE A 115 -7.05 -11.04 0.62
N ASP A 116 -8.33 -11.24 0.35
CA ASP A 116 -8.86 -12.60 0.11
C ASP A 116 -8.21 -13.25 -1.10
N HIS A 117 -7.95 -14.56 -1.00
CA HIS A 117 -7.36 -15.26 -2.14
C HIS A 117 -8.20 -15.33 -3.43
N ASN A 118 -9.50 -15.07 -3.39
CA ASN A 118 -10.34 -15.08 -4.58
C ASN A 118 -10.55 -13.69 -5.20
N PHE A 119 -9.90 -12.65 -4.62
CA PHE A 119 -9.92 -11.35 -5.29
C PHE A 119 -9.11 -11.33 -6.58
N GLN A 120 -9.69 -10.74 -7.61
CA GLN A 120 -8.98 -10.51 -8.86
C GLN A 120 -9.19 -9.05 -9.25
N ALA A 121 -8.09 -8.34 -9.41
CA ALA A 121 -8.16 -6.90 -9.64
C ALA A 121 -8.88 -6.63 -10.94
N GLN A 122 -9.74 -5.65 -10.87
CA GLN A 122 -10.40 -5.08 -12.04
C GLN A 122 -9.97 -3.59 -12.14
N PRO A 123 -8.80 -3.31 -12.78
CA PRO A 123 -8.33 -1.91 -12.83
C PRO A 123 -9.39 -0.99 -13.44
N ASN A 124 -9.68 0.12 -12.78
CA ASN A 124 -10.56 1.14 -13.31
C ASN A 124 -9.72 2.13 -14.17
N PRO A 125 -9.83 2.08 -15.52
CA PRO A 125 -8.88 2.83 -16.34
C PRO A 125 -8.92 4.37 -16.22
N ALA A 126 -9.99 4.94 -15.66
CA ALA A 126 -10.01 6.40 -15.37
C ALA A 126 -9.05 6.77 -14.22
N GLU A 127 -8.60 5.78 -13.46
CA GLU A 127 -7.74 6.04 -12.29
C GLU A 127 -6.45 5.30 -12.29
N VAL A 128 -6.48 4.08 -12.84
CA VAL A 128 -5.35 3.18 -12.75
C VAL A 128 -5.04 2.60 -14.13
N LYS A 129 -3.78 2.72 -14.53
CA LYS A 129 -3.25 2.15 -15.78
C LYS A 129 -2.85 0.70 -15.63
N ASP A 130 -2.47 0.28 -14.42
CA ASP A 130 -1.97 -1.10 -14.22
C ASP A 130 -2.08 -1.41 -12.71
N VAL A 131 -2.13 -2.70 -12.40
CA VAL A 131 -2.10 -3.22 -11.03
C VAL A 131 -1.09 -4.37 -11.07
N PHE A 132 -0.22 -4.48 -10.08
CA PHE A 132 0.78 -5.52 -10.07
C PHE A 132 1.20 -5.88 -8.65
N LEU A 133 1.74 -7.08 -8.50
CA LEU A 133 2.23 -7.59 -7.22
C LEU A 133 3.72 -7.57 -7.14
N VAL A 134 4.26 -7.32 -5.94
CA VAL A 134 5.69 -7.51 -5.70
C VAL A 134 5.86 -8.36 -4.45
N PRO A 135 6.74 -9.41 -4.51
CA PRO A 135 6.92 -10.14 -3.28
C PRO A 135 7.47 -9.23 -2.16
N LEU A 136 6.92 -9.39 -0.96
CA LEU A 136 7.34 -8.58 0.18
C LEU A 136 8.85 -8.69 0.42
N ALA A 137 9.40 -9.89 0.23
CA ALA A 137 10.83 -10.08 0.45
C ALA A 137 11.77 -9.28 -0.47
N TYR A 138 11.28 -8.86 -1.64
CA TYR A 138 12.02 -8.00 -2.56
C TYR A 138 12.55 -6.75 -1.84
N PHE A 139 11.72 -6.22 -0.94
CA PHE A 139 12.06 -4.95 -0.27
C PHE A 139 13.18 -5.04 0.75
N LEU A 140 13.59 -6.27 1.08
CA LEU A 140 14.80 -6.50 1.87
C LEU A 140 16.07 -6.45 1.03
N HIS A 141 15.96 -6.73 -0.28
CA HIS A 141 17.11 -6.73 -1.19
C HIS A 141 16.73 -6.16 -2.54
N PRO A 142 16.32 -4.89 -2.54
CA PRO A 142 15.85 -4.26 -3.76
C PRO A 142 16.98 -3.92 -4.72
N GLN A 143 16.62 -3.69 -5.97
CA GLN A 143 17.54 -3.21 -7.01
C GLN A 143 17.40 -1.68 -7.02
N VAL A 144 18.44 -0.99 -6.52
CA VAL A 144 18.36 0.43 -6.24
C VAL A 144 19.05 1.18 -7.36
N HIS A 145 18.42 2.23 -7.84
CA HIS A 145 18.99 3.16 -8.81
C HIS A 145 18.89 4.57 -8.23
N ASP A 146 19.99 5.32 -8.29
CA ASP A 146 20.02 6.67 -7.74
C ASP A 146 19.76 7.67 -8.86
N GLN A 147 18.78 8.56 -8.65
CA GLN A 147 18.31 9.49 -9.68
C GLN A 147 18.69 10.92 -9.33
N ILE A 158 20.28 13.80 -4.87
CA ILE A 158 19.95 12.58 -5.61
C ILE A 158 19.24 11.55 -4.69
N ASN A 159 18.15 10.94 -5.18
CA ASN A 159 17.28 10.06 -4.36
C ASN A 159 17.14 8.61 -4.88
N HIS A 160 16.87 7.70 -3.95
CA HIS A 160 16.91 6.25 -4.22
C HIS A 160 15.60 5.75 -4.85
N ILE A 161 15.71 5.02 -5.96
CA ILE A 161 14.56 4.49 -6.71
C ILE A 161 14.71 2.96 -6.78
N PHE A 162 13.64 2.21 -6.51
CA PHE A 162 13.66 0.77 -6.65
C PHE A 162 13.17 0.41 -8.04
N GLU A 163 13.84 -0.54 -8.70
CA GLU A 163 13.38 -1.13 -9.96
C GLU A 163 13.02 -2.60 -9.75
N TYR A 164 11.77 -2.93 -10.01
CA TYR A 164 11.31 -4.31 -9.84
C TYR A 164 10.89 -4.80 -11.21
N THR A 165 11.42 -5.94 -11.59
CA THR A 165 11.06 -6.59 -12.85
C THR A 165 10.21 -7.84 -12.60
N ASN A 166 8.99 -7.86 -13.15
CA ASN A 166 8.08 -8.98 -12.99
C ASN A 166 8.59 -10.18 -13.82
N PRO A 167 8.97 -11.31 -13.19
CA PRO A 167 9.52 -12.43 -14.01
C PRO A 167 8.49 -13.11 -14.92
N GLU A 168 7.21 -12.88 -14.69
CA GLU A 168 6.15 -13.39 -15.54
C GLU A 168 6.20 -12.83 -16.95
N ASP A 169 6.53 -11.54 -17.06
CA ASP A 169 6.51 -10.82 -18.33
C ASP A 169 7.70 -9.90 -18.67
N GLY A 170 8.67 -9.76 -17.76
CA GLY A 170 9.81 -8.87 -18.00
C GLY A 170 9.60 -7.36 -17.89
N VAL A 171 8.42 -6.96 -17.42
CA VAL A 171 8.11 -5.55 -17.29
C VAL A 171 8.77 -5.01 -16.03
N THR A 172 9.42 -3.86 -16.16
CA THR A 172 10.10 -3.21 -15.03
C THR A 172 9.25 -2.02 -14.52
N TYR A 173 9.07 -1.95 -13.20
CA TYR A 173 8.35 -0.86 -12.55
C TYR A 173 9.32 -0.11 -11.64
N GLN A 174 9.17 1.23 -11.58
CA GLN A 174 9.93 2.08 -10.67
C GLN A 174 9.08 2.40 -9.46
N ILE A 175 9.62 2.17 -8.28
CA ILE A 175 8.90 2.43 -7.04
C ILE A 175 9.74 3.40 -6.20
N LYS A 176 9.12 4.49 -5.77
CA LYS A 176 9.91 5.49 -5.05
C LYS A 176 9.11 6.23 -4.00
N GLY A 177 9.79 7.14 -3.29
CA GLY A 177 9.08 8.03 -2.38
C GLY A 177 8.38 7.33 -1.22
N MET A 178 7.23 7.91 -0.78
CA MET A 178 6.45 7.39 0.35
C MET A 178 6.07 5.94 0.09
N THR A 179 5.72 5.65 -1.15
CA THR A 179 5.30 4.27 -1.53
C THR A 179 6.42 3.26 -1.27
N ALA A 180 7.63 3.58 -1.71
CA ALA A 180 8.80 2.72 -1.44
C ALA A 180 9.10 2.61 0.04
N ASN A 181 9.01 3.75 0.74
CA ASN A 181 9.31 3.73 2.14
C ASN A 181 8.34 2.86 2.93
N LEU A 182 7.04 2.95 2.62
CA LEU A 182 6.06 2.13 3.32
C LEU A 182 6.23 0.65 3.03
N ALA A 183 6.62 0.34 1.80
CA ALA A 183 6.83 -1.08 1.43
C ALA A 183 7.96 -1.72 2.24
N VAL A 184 9.04 -0.97 2.42
CA VAL A 184 10.17 -1.43 3.24
C VAL A 184 9.76 -1.60 4.70
N LEU A 185 9.02 -0.64 5.24
CA LEU A 185 8.53 -0.74 6.60
C LEU A 185 7.72 -2.04 6.85
N VAL A 186 6.77 -2.32 5.95
CA VAL A 186 5.94 -3.51 6.07
C VAL A 186 6.80 -4.79 5.99
N ALA A 187 7.72 -4.81 5.04
CA ALA A 187 8.65 -5.95 4.92
C ALA A 187 9.45 -6.15 6.20
N PHE A 188 10.03 -5.10 6.77
CA PHE A 188 10.74 -5.25 8.03
C PHE A 188 9.85 -5.81 9.14
N ILE A 189 8.63 -5.24 9.31
CA ILE A 189 7.77 -5.65 10.35
C ILE A 189 7.44 -7.15 10.27
N ILE A 190 7.13 -7.61 9.06
CA ILE A 190 6.60 -8.98 8.90
C ILE A 190 7.70 -10.02 8.79
N LEU A 191 8.80 -9.66 8.16
CA LEU A 191 9.84 -10.66 7.78
C LEU A 191 11.09 -10.66 8.68
N GLU A 192 11.30 -9.62 9.48
CA GLU A 192 12.51 -9.67 10.36
C GLU A 192 12.50 -10.85 11.33
N LYS A 193 13.69 -11.38 11.59
CA LYS A 193 13.88 -12.37 12.66
C LYS A 193 12.93 -13.54 12.54
N LYS A 194 13.04 -14.26 11.43
CA LYS A 194 12.20 -15.47 11.21
C LYS A 194 13.07 -16.67 10.98
N PRO A 195 12.77 -17.81 11.65
CA PRO A 195 13.48 -19.05 11.28
C PRO A 195 13.13 -19.51 9.85
N THR A 196 14.09 -20.14 9.17
CA THR A 196 13.83 -20.76 7.86
C THR A 196 13.41 -22.23 8.06
#